data_4D8D
#
_entry.id   4D8D
#
_cell.length_a   108.010
_cell.length_b   108.010
_cell.length_c   224.961
_cell.angle_alpha   90.000
_cell.angle_beta   90.000
_cell.angle_gamma   120.000
#
_symmetry.space_group_name_H-M   'P 65 2 2'
#
loop_
_entity.id
_entity.type
_entity.pdbx_description
1 polymer 'Tyrosine-protein kinase Fyn'
2 polymer 'Protein Nef'
3 non-polymer GLYCEROL
4 water water
#
loop_
_entity_poly.entity_id
_entity_poly.type
_entity_poly.pdbx_seq_one_letter_code
_entity_poly.pdbx_strand_id
1 'polypeptide(L)' VTLFVALYDYEAWTEDDLSFHKGEKFQILNSSEGDWWEARSLTTGETGYIPSNYVAPV A,C
2 'polypeptide(L)'
;GSLEAQEEEEVGFPVTPQVPLRPMTYKAAVDLSHFLKEKGGLEGLIHSQRRQDILDLWIYHTQGYFPDWQNYTPGPGVRY
PLTFGWCYKLVPVEPDKVEEANKGENTSLLHPVSLHGMDDPEREVLEWRFDSRLAFHHVARELHPEYFKNC
;
B,D
#
# COMPACT_ATOMS: atom_id res chain seq x y z
N THR A 2 31.85 -10.74 -7.94
CA THR A 2 30.39 -10.84 -8.01
C THR A 2 29.83 -11.30 -6.67
N LEU A 3 30.46 -10.81 -5.59
CA LEU A 3 30.05 -11.18 -4.23
C LEU A 3 29.36 -10.00 -3.53
N PHE A 4 28.33 -10.30 -2.72
CA PHE A 4 27.50 -9.26 -2.11
C PHE A 4 27.43 -9.29 -0.57
N VAL A 5 27.04 -8.15 0.01
CA VAL A 5 27.01 -7.95 1.46
C VAL A 5 25.71 -7.25 1.91
N ALA A 6 25.13 -7.72 3.01
CA ALA A 6 23.87 -7.16 3.52
C ALA A 6 24.05 -5.74 4.05
N LEU A 7 23.09 -4.87 3.73
CA LEU A 7 23.11 -3.49 4.17
C LEU A 7 22.16 -3.26 5.34
N TYR A 8 21.16 -4.12 5.44
CA TYR A 8 20.17 -4.04 6.51
C TYR A 8 19.98 -5.44 7.07
N ASP A 9 19.33 -5.53 8.22
CA ASP A 9 18.92 -6.83 8.70
C ASP A 9 17.65 -7.20 7.93
N TYR A 10 17.39 -8.49 7.80
CA TYR A 10 16.16 -8.95 7.18
C TYR A 10 15.71 -10.22 7.87
N GLU A 11 14.56 -10.15 8.55
CA GLU A 11 13.96 -11.31 9.17
C GLU A 11 12.94 -11.87 8.20
N ALA A 12 13.17 -13.11 7.76
CA ALA A 12 12.27 -13.79 6.85
C ALA A 12 11.05 -14.32 7.59
N TRP A 13 9.94 -14.47 6.88
CA TRP A 13 8.74 -15.06 7.46
C TRP A 13 8.59 -16.51 7.05
N THR A 14 8.86 -16.78 5.77
CA THR A 14 8.68 -18.12 5.21
C THR A 14 10.03 -18.81 4.93
N GLU A 15 10.04 -20.15 4.99
CA GLU A 15 11.27 -20.94 4.95
C GLU A 15 12.03 -20.84 3.62
N ASP A 16 11.34 -20.45 2.56
CA ASP A 16 11.97 -20.25 1.25
C ASP A 16 12.84 -19.00 1.22
N ASP A 17 12.62 -18.08 2.16
CA ASP A 17 13.45 -16.89 2.27
C ASP A 17 14.60 -17.07 3.26
N LEU A 18 15.63 -16.25 3.08
CA LEU A 18 16.81 -16.32 3.93
C LEU A 18 16.84 -15.11 4.86
N SER A 19 16.82 -15.37 6.16
CA SER A 19 17.01 -14.30 7.15
C SER A 19 18.51 -13.98 7.21
N PHE A 20 18.84 -12.71 7.40
CA PHE A 20 20.24 -12.32 7.53
C PHE A 20 20.45 -11.04 8.34
N HIS A 21 21.69 -10.83 8.79
CA HIS A 21 22.05 -9.65 9.57
C HIS A 21 22.88 -8.70 8.72
N LYS A 22 22.82 -7.41 9.02
CA LYS A 22 23.69 -6.42 8.38
C LYS A 22 25.13 -6.88 8.59
N GLY A 23 25.93 -6.85 7.53
CA GLY A 23 27.28 -7.38 7.60
C GLY A 23 27.27 -8.89 7.52
N GLU A 24 26.51 -9.40 6.56
CA GLU A 24 26.55 -10.82 6.22
C GLU A 24 26.91 -10.92 4.74
N LYS A 25 27.51 -12.03 4.35
CA LYS A 25 28.09 -12.14 3.01
C LYS A 25 27.32 -13.16 2.19
N PHE A 26 27.25 -12.97 0.88
CA PHE A 26 26.44 -13.85 0.05
C PHE A 26 27.07 -14.21 -1.29
N GLN A 27 26.85 -15.45 -1.70
CA GLN A 27 27.11 -15.86 -3.08
C GLN A 27 25.77 -15.86 -3.78
N ILE A 28 25.68 -15.16 -4.90
CA ILE A 28 24.42 -15.12 -5.64
C ILE A 28 24.29 -16.33 -6.55
N LEU A 29 23.27 -17.14 -6.31
CA LEU A 29 23.06 -18.35 -7.11
C LEU A 29 22.18 -18.09 -8.34
N ASN A 30 21.24 -17.17 -8.22
CA ASN A 30 20.37 -16.83 -9.35
C ASN A 30 19.91 -15.36 -9.35
N SER A 31 20.01 -14.71 -10.52
CA SER A 31 19.55 -13.33 -10.69
C SER A 31 18.57 -13.20 -11.85
N SER A 32 18.17 -14.35 -12.41
CA SER A 32 17.34 -14.38 -13.60
C SER A 32 15.84 -14.22 -13.32
N GLU A 33 15.40 -14.61 -12.12
CA GLU A 33 13.98 -14.62 -11.80
C GLU A 33 13.45 -13.30 -11.23
N GLY A 34 14.16 -12.21 -11.48
CA GLY A 34 13.69 -10.93 -11.00
C GLY A 34 14.50 -10.38 -9.84
N ASP A 35 13.86 -9.59 -8.98
CA ASP A 35 14.57 -8.87 -7.92
C ASP A 35 14.69 -9.60 -6.57
N TRP A 36 14.09 -10.78 -6.48
CA TRP A 36 14.39 -11.68 -5.38
C TRP A 36 15.42 -12.70 -5.86
N TRP A 37 16.56 -12.75 -5.18
CA TRP A 37 17.68 -13.56 -5.65
C TRP A 37 17.86 -14.79 -4.79
N GLU A 38 18.21 -15.90 -5.42
CA GLU A 38 18.59 -17.08 -4.67
C GLU A 38 20.07 -16.90 -4.31
N ALA A 39 20.38 -16.99 -3.02
CA ALA A 39 21.72 -16.69 -2.54
C ALA A 39 22.12 -17.66 -1.43
N ARG A 40 23.43 -17.74 -1.18
CA ARG A 40 23.94 -18.64 -0.14
C ARG A 40 24.75 -17.87 0.89
N SER A 41 24.32 -17.93 2.15
CA SER A 41 25.00 -17.24 3.24
C SER A 41 26.38 -17.84 3.48
N LEU A 42 27.41 -17.04 3.27
CA LEU A 42 28.79 -17.49 3.48
C LEU A 42 29.10 -17.62 4.96
N THR A 43 28.11 -17.36 5.80
CA THR A 43 28.29 -17.45 7.24
C THR A 43 27.61 -18.70 7.80
N THR A 44 26.56 -19.15 7.13
CA THR A 44 25.81 -20.33 7.57
C THR A 44 25.81 -21.40 6.47
N GLY A 45 26.02 -20.98 5.23
CA GLY A 45 26.05 -21.89 4.11
C GLY A 45 24.64 -22.18 3.61
N GLU A 46 23.66 -21.68 4.35
CA GLU A 46 22.25 -21.92 4.05
C GLU A 46 21.81 -21.11 2.84
N THR A 47 21.03 -21.74 1.96
CA THR A 47 20.50 -21.07 0.77
C THR A 47 19.10 -20.54 1.01
N GLY A 48 18.64 -19.68 0.11
CA GLY A 48 17.34 -19.05 0.24
C GLY A 48 17.20 -17.78 -0.57
N TYR A 49 15.97 -17.25 -0.63
CA TYR A 49 15.69 -16.05 -1.40
C TYR A 49 15.89 -14.79 -0.57
N ILE A 50 16.42 -13.75 -1.21
CA ILE A 50 16.71 -12.49 -0.53
C ILE A 50 16.28 -11.33 -1.40
N PRO A 51 15.88 -10.22 -0.76
CA PRO A 51 15.53 -9.02 -1.54
C PRO A 51 16.79 -8.29 -2.05
N SER A 52 17.01 -8.28 -3.36
CA SER A 52 18.22 -7.73 -3.96
C SER A 52 18.57 -6.30 -3.53
N ASN A 53 17.57 -5.46 -3.26
CA ASN A 53 17.84 -4.08 -2.83
C ASN A 53 18.41 -3.98 -1.41
N TYR A 54 18.50 -5.12 -0.72
CA TYR A 54 19.07 -5.17 0.62
C TYR A 54 20.55 -5.51 0.60
N VAL A 55 21.10 -5.81 -0.58
CA VAL A 55 22.52 -6.10 -0.69
C VAL A 55 23.24 -5.22 -1.71
N ALA A 56 24.56 -5.15 -1.58
CA ALA A 56 25.38 -4.35 -2.48
C ALA A 56 26.73 -5.02 -2.74
N PRO A 57 27.23 -4.85 -3.96
CA PRO A 57 28.52 -5.44 -4.33
C PRO A 57 29.64 -5.01 -3.40
N VAL A 58 30.72 -5.78 -3.37
CA VAL A 58 31.86 -5.47 -2.51
C VAL A 58 33.00 -4.85 -3.31
N PRO B 14 6.27 0.29 11.11
CA PRO B 14 6.89 -0.40 9.96
C PRO B 14 8.00 0.46 9.33
N VAL B 15 9.21 0.40 9.89
CA VAL B 15 10.32 1.23 9.46
C VAL B 15 11.52 0.46 8.87
N THR B 16 11.23 -0.63 8.16
CA THR B 16 12.26 -1.39 7.44
C THR B 16 12.09 -1.17 5.93
N PRO B 17 13.21 -0.90 5.20
CA PRO B 17 13.12 -0.52 3.78
C PRO B 17 12.33 -1.51 2.90
N GLN B 18 11.66 -0.99 1.87
CA GLN B 18 10.71 -1.78 1.07
C GLN B 18 11.37 -2.87 0.25
N VAL B 19 10.87 -4.10 0.37
CA VAL B 19 11.40 -5.21 -0.42
C VAL B 19 10.77 -5.20 -1.82
N PRO B 20 11.45 -5.80 -2.81
CA PRO B 20 10.91 -5.75 -4.17
C PRO B 20 9.60 -6.52 -4.31
N LEU B 21 8.86 -6.18 -5.36
CA LEU B 21 7.60 -6.83 -5.63
C LEU B 21 7.82 -8.32 -5.98
N ARG B 22 6.81 -9.15 -5.71
CA ARG B 22 6.80 -10.54 -6.17
C ARG B 22 5.38 -11.11 -6.12
N PRO B 23 5.08 -12.08 -7.00
CA PRO B 23 3.68 -12.52 -7.09
C PRO B 23 3.31 -13.43 -5.93
N MET B 24 2.08 -13.29 -5.45
CA MET B 24 1.54 -14.26 -4.51
C MET B 24 1.30 -15.56 -5.27
N THR B 25 1.93 -16.63 -4.80
CA THR B 25 1.69 -17.96 -5.36
C THR B 25 0.89 -18.77 -4.36
N TYR B 26 0.33 -19.89 -4.81
CA TYR B 26 -0.31 -20.83 -3.91
C TYR B 26 0.59 -21.14 -2.71
N LYS B 27 1.85 -21.42 -3.00
CA LYS B 27 2.78 -21.79 -1.95
C LYS B 27 3.02 -20.65 -0.98
N ALA B 28 3.16 -19.44 -1.51
CA ALA B 28 3.44 -18.29 -0.67
C ALA B 28 2.21 -18.05 0.21
N ALA B 29 1.03 -18.26 -0.35
CA ALA B 29 -0.23 -18.06 0.36
C ALA B 29 -0.37 -19.05 1.51
N VAL B 30 -0.06 -20.32 1.25
CA VAL B 30 -0.06 -21.35 2.29
C VAL B 30 0.98 -21.07 3.39
N ASP B 31 2.20 -20.75 3.00
CA ASP B 31 3.26 -20.51 3.98
C ASP B 31 2.87 -19.34 4.84
N LEU B 32 2.36 -18.31 4.19
CA LEU B 32 1.92 -17.09 4.86
C LEU B 32 0.78 -17.33 5.85
N SER B 33 -0.19 -18.16 5.44
CA SER B 33 -1.30 -18.53 6.31
C SER B 33 -0.79 -19.13 7.59
N HIS B 34 0.02 -20.17 7.45
CA HIS B 34 0.62 -20.85 8.58
C HIS B 34 1.50 -19.94 9.42
N PHE B 35 2.31 -19.10 8.78
CA PHE B 35 3.13 -18.16 9.53
C PHE B 35 2.26 -17.30 10.44
N LEU B 36 1.15 -16.79 9.92
CA LEU B 36 0.29 -15.91 10.70
C LEU B 36 -0.49 -16.66 11.76
N LYS B 37 -0.88 -17.89 11.45
CA LYS B 37 -1.51 -18.74 12.45
C LYS B 37 -0.58 -18.95 13.65
N GLU B 38 0.68 -19.32 13.39
CA GLU B 38 1.69 -19.52 14.44
C GLU B 38 2.01 -18.25 15.23
N LYS B 39 2.18 -17.13 14.54
CA LYS B 39 2.43 -15.85 15.20
C LYS B 39 1.23 -15.48 16.06
N GLY B 40 0.03 -15.81 15.58
CA GLY B 40 -1.19 -15.57 16.32
C GLY B 40 -1.55 -14.10 16.37
N GLY B 41 -2.85 -13.82 16.38
CA GLY B 41 -3.32 -12.44 16.43
C GLY B 41 -4.44 -12.26 15.44
N LEU B 42 -4.35 -12.98 14.32
CA LEU B 42 -5.36 -12.89 13.28
C LEU B 42 -6.57 -13.76 13.60
N GLU B 43 -6.33 -14.92 14.20
CA GLU B 43 -7.44 -15.80 14.56
C GLU B 43 -8.29 -15.16 15.65
N GLY B 44 -9.58 -14.96 15.35
CA GLY B 44 -10.47 -14.33 16.30
C GLY B 44 -10.34 -12.82 16.32
N LEU B 45 -10.00 -12.24 15.17
CA LEU B 45 -9.95 -10.79 15.05
C LEU B 45 -11.13 -10.31 14.21
N ILE B 46 -11.78 -9.25 14.67
CA ILE B 46 -12.95 -8.73 13.99
C ILE B 46 -12.52 -8.03 12.69
N HIS B 47 -13.25 -8.28 11.60
CA HIS B 47 -12.84 -7.78 10.29
C HIS B 47 -13.46 -6.45 9.90
N SER B 48 -12.64 -5.40 9.83
CA SER B 48 -13.05 -4.20 9.10
C SER B 48 -12.26 -4.15 7.79
N GLN B 49 -12.83 -3.47 6.80
CA GLN B 49 -12.17 -3.33 5.51
C GLN B 49 -10.86 -2.58 5.74
N ARG B 50 -10.88 -1.70 6.73
CA ARG B 50 -9.73 -0.92 7.10
C ARG B 50 -8.63 -1.84 7.66
N ARG B 51 -9.04 -2.77 8.52
CA ARG B 51 -8.12 -3.76 9.07
C ARG B 51 -7.55 -4.66 7.99
N GLN B 52 -8.39 -5.06 7.05
CA GLN B 52 -7.92 -5.85 5.92
C GLN B 52 -6.82 -5.09 5.16
N ASP B 53 -7.11 -3.82 4.83
CA ASP B 53 -6.19 -2.98 4.07
C ASP B 53 -4.84 -2.80 4.79
N ILE B 54 -4.91 -2.53 6.09
CA ILE B 54 -3.70 -2.44 6.92
C ILE B 54 -2.84 -3.71 6.85
N LEU B 55 -3.48 -4.88 7.02
CA LEU B 55 -2.77 -6.15 6.90
C LEU B 55 -2.12 -6.29 5.53
N ASP B 56 -2.88 -6.00 4.47
CA ASP B 56 -2.38 -6.08 3.10
C ASP B 56 -1.16 -5.20 2.90
N LEU B 57 -1.23 -3.95 3.35
CA LEU B 57 -0.11 -3.02 3.25
C LEU B 57 1.11 -3.49 4.05
N TRP B 58 0.89 -4.04 5.23
CA TRP B 58 2.01 -4.54 6.02
C TRP B 58 2.71 -5.66 5.26
N ILE B 59 1.92 -6.63 4.77
CA ILE B 59 2.47 -7.76 4.02
C ILE B 59 3.16 -7.28 2.75
N TYR B 60 2.59 -6.26 2.12
CA TYR B 60 3.17 -5.69 0.93
C TYR B 60 4.54 -5.06 1.23
N HIS B 61 4.58 -4.23 2.26
CA HIS B 61 5.82 -3.57 2.66
C HIS B 61 6.92 -4.57 3.08
N THR B 62 6.55 -5.56 3.87
CA THR B 62 7.52 -6.48 4.45
C THR B 62 7.85 -7.67 3.55
N GLN B 63 6.91 -8.10 2.73
CA GLN B 63 7.09 -9.33 1.96
C GLN B 63 7.03 -9.12 0.46
N GLY B 64 6.55 -7.97 0.03
CA GLY B 64 6.61 -7.61 -1.37
C GLY B 64 5.44 -8.12 -2.21
N TYR B 65 4.54 -8.88 -1.60
CA TYR B 65 3.35 -9.30 -2.33
C TYR B 65 2.44 -8.11 -2.59
N PHE B 66 2.16 -7.86 -3.87
CA PHE B 66 1.25 -6.79 -4.25
C PHE B 66 -0.12 -7.00 -3.59
N PRO B 67 -0.67 -5.94 -2.99
CA PRO B 67 -1.90 -6.08 -2.18
C PRO B 67 -3.16 -6.23 -3.02
N ASP B 68 -3.29 -7.32 -3.76
CA ASP B 68 -4.50 -7.54 -4.55
C ASP B 68 -4.95 -8.99 -4.45
N TRP B 69 -4.42 -9.70 -3.44
CA TRP B 69 -4.65 -11.13 -3.30
C TRP B 69 -5.66 -11.51 -2.22
N GLN B 70 -5.99 -10.57 -1.32
CA GLN B 70 -6.83 -10.93 -0.19
C GLN B 70 -8.28 -10.52 -0.42
N ASN B 71 -8.87 -10.99 -1.51
CA ASN B 71 -10.30 -10.77 -1.69
C ASN B 71 -11.13 -11.98 -1.32
N TYR B 72 -12.30 -11.70 -0.73
CA TYR B 72 -13.19 -12.72 -0.22
C TYR B 72 -14.49 -12.74 -1.01
N THR B 73 -15.33 -13.72 -0.74
CA THR B 73 -16.62 -13.85 -1.41
C THR B 73 -17.65 -12.93 -0.76
N PRO B 74 -18.62 -12.44 -1.56
CA PRO B 74 -19.62 -11.51 -0.99
C PRO B 74 -20.46 -12.14 0.10
N GLY B 75 -20.99 -11.30 0.99
CA GLY B 75 -21.92 -11.78 2.00
C GLY B 75 -23.21 -12.30 1.39
N PRO B 76 -24.10 -12.82 2.23
CA PRO B 76 -23.93 -12.90 3.69
C PRO B 76 -23.36 -14.25 4.07
N GLY B 77 -23.19 -14.48 5.37
CA GLY B 77 -22.60 -15.71 5.86
C GLY B 77 -21.07 -15.67 5.86
N VAL B 78 -20.46 -16.85 5.80
CA VAL B 78 -19.00 -16.95 5.81
C VAL B 78 -18.41 -16.38 4.52
N ARG B 79 -17.25 -15.73 4.63
CA ARG B 79 -16.59 -15.11 3.50
C ARG B 79 -15.34 -15.90 3.08
N TYR B 80 -15.33 -16.38 1.84
CA TYR B 80 -14.27 -17.28 1.40
C TYR B 80 -13.22 -16.61 0.52
N PRO B 81 -11.94 -16.99 0.69
CA PRO B 81 -10.81 -16.33 0.00
C PRO B 81 -10.75 -16.66 -1.50
N LEU B 82 -10.59 -15.64 -2.34
CA LEU B 82 -10.44 -15.88 -3.76
C LEU B 82 -9.10 -16.52 -4.12
N THR B 83 -8.00 -16.03 -3.56
CA THR B 83 -6.68 -16.66 -3.76
C THR B 83 -6.55 -18.07 -3.17
N PHE B 84 -6.53 -19.11 -4.00
CA PHE B 84 -6.34 -20.48 -3.51
C PHE B 84 -5.04 -20.54 -2.71
N GLY B 85 -5.08 -21.18 -1.53
CA GLY B 85 -3.90 -21.28 -0.68
C GLY B 85 -3.91 -20.37 0.55
N TRP B 86 -4.61 -19.24 0.47
CA TRP B 86 -4.87 -18.40 1.65
C TRP B 86 -5.91 -19.08 2.54
N CYS B 87 -5.49 -19.54 3.72
CA CYS B 87 -6.35 -20.40 4.53
C CYS B 87 -7.19 -19.65 5.57
N TYR B 88 -7.44 -18.37 5.34
CA TYR B 88 -8.34 -17.62 6.21
C TYR B 88 -9.63 -17.27 5.52
N LYS B 89 -10.72 -17.41 6.26
CA LYS B 89 -12.04 -16.98 5.80
C LYS B 89 -12.65 -16.09 6.89
N LEU B 90 -13.76 -15.42 6.57
CA LEU B 90 -14.37 -14.49 7.53
C LEU B 90 -15.70 -15.06 8.06
N VAL B 91 -15.78 -15.21 9.39
CA VAL B 91 -16.92 -15.89 10.00
C VAL B 91 -17.85 -14.94 10.76
N PRO B 92 -19.14 -14.91 10.37
CA PRO B 92 -20.20 -14.11 11.01
C PRO B 92 -20.22 -14.25 12.53
N VAL B 93 -20.51 -13.14 13.22
CA VAL B 93 -20.63 -13.10 14.68
C VAL B 93 -19.31 -13.48 15.37
N GLU B 124 -23.79 -7.29 9.90
CA GLU B 124 -22.84 -8.40 9.90
C GLU B 124 -21.57 -8.07 10.69
N VAL B 125 -21.13 -9.00 11.53
CA VAL B 125 -19.84 -8.88 12.22
C VAL B 125 -18.97 -10.10 11.90
N LEU B 126 -17.80 -9.87 11.32
CA LEU B 126 -16.95 -10.96 10.86
C LEU B 126 -15.66 -11.09 11.66
N GLU B 127 -15.21 -12.32 11.80
CA GLU B 127 -13.95 -12.63 12.46
C GLU B 127 -13.08 -13.35 11.44
N TRP B 128 -11.77 -13.16 11.52
CA TRP B 128 -10.88 -13.98 10.73
C TRP B 128 -10.88 -15.37 11.37
N ARG B 129 -10.91 -16.40 10.54
CA ARG B 129 -10.87 -17.81 11.00
C ARG B 129 -10.05 -18.66 10.07
N PHE B 130 -9.05 -19.33 10.64
CA PHE B 130 -8.20 -20.24 9.90
C PHE B 130 -8.98 -21.48 9.50
N ASP B 131 -8.76 -21.96 8.27
CA ASP B 131 -9.34 -23.23 7.84
C ASP B 131 -8.40 -23.90 6.83
N SER B 132 -7.68 -24.94 7.26
CA SER B 132 -6.70 -25.61 6.40
C SER B 132 -7.34 -26.24 5.17
N ARG B 133 -8.62 -26.58 5.28
CA ARG B 133 -9.37 -27.12 4.15
C ARG B 133 -9.24 -26.27 2.88
N LEU B 134 -9.12 -24.95 3.05
CA LEU B 134 -9.03 -24.05 1.90
C LEU B 134 -7.75 -24.25 1.07
N ALA B 135 -6.77 -24.99 1.59
CA ALA B 135 -5.58 -25.30 0.80
C ALA B 135 -5.82 -26.47 -0.16
N PHE B 136 -6.95 -27.15 -0.01
CA PHE B 136 -7.23 -28.34 -0.81
C PHE B 136 -8.49 -28.20 -1.61
N HIS B 137 -9.42 -27.43 -1.08
CA HIS B 137 -10.67 -27.19 -1.79
C HIS B 137 -10.78 -25.69 -2.06
N HIS B 138 -10.86 -25.32 -3.33
CA HIS B 138 -10.94 -23.90 -3.67
C HIS B 138 -12.41 -23.48 -3.59
N VAL B 139 -12.88 -23.33 -2.36
CA VAL B 139 -14.28 -23.03 -2.06
C VAL B 139 -14.80 -21.81 -2.82
N ALA B 140 -14.06 -20.71 -2.79
CA ALA B 140 -14.52 -19.48 -3.43
C ALA B 140 -14.78 -19.65 -4.94
N ARG B 141 -13.97 -20.47 -5.60
CA ARG B 141 -14.20 -20.75 -7.02
C ARG B 141 -15.40 -21.69 -7.20
N GLU B 142 -15.72 -22.46 -6.16
CA GLU B 142 -16.91 -23.31 -6.20
C GLU B 142 -18.19 -22.48 -6.01
N LEU B 143 -18.24 -21.72 -4.91
CA LEU B 143 -19.43 -20.97 -4.56
C LEU B 143 -19.67 -19.79 -5.47
N HIS B 144 -18.59 -19.11 -5.87
CA HIS B 144 -18.77 -17.90 -6.68
C HIS B 144 -17.89 -17.86 -7.94
N PRO B 145 -18.00 -18.90 -8.80
CA PRO B 145 -17.15 -19.13 -9.97
C PRO B 145 -16.93 -17.88 -10.83
N GLU B 146 -17.84 -16.92 -10.72
CA GLU B 146 -17.86 -15.69 -11.53
C GLU B 146 -16.70 -14.71 -11.28
N TYR B 147 -15.72 -15.10 -10.45
CA TYR B 147 -14.55 -14.27 -10.19
C TYR B 147 -13.29 -14.89 -10.78
N PHE B 148 -13.44 -15.80 -11.73
CA PHE B 148 -12.28 -16.51 -12.28
C PHE B 148 -12.34 -16.57 -13.80
N LYS B 149 -13.03 -15.58 -14.36
CA LYS B 149 -13.30 -15.50 -15.79
C LYS B 149 -13.10 -14.08 -16.32
N VAL C 1 13.06 25.24 22.84
CA VAL C 1 13.44 25.13 21.43
C VAL C 1 12.39 24.33 20.66
N THR C 2 11.53 25.07 19.94
CA THR C 2 10.57 24.47 19.02
C THR C 2 11.22 24.19 17.67
N LEU C 3 12.54 24.00 17.67
CA LEU C 3 13.29 23.95 16.41
C LEU C 3 13.70 22.56 15.93
N PHE C 4 13.36 22.27 14.67
CA PHE C 4 13.69 20.99 14.06
C PHE C 4 14.44 21.21 12.76
N VAL C 5 15.22 20.19 12.38
CA VAL C 5 16.00 20.20 11.15
C VAL C 5 15.55 19.02 10.29
N ALA C 6 15.47 19.23 8.97
CA ALA C 6 15.07 18.17 8.05
C ALA C 6 16.17 17.13 7.87
N LEU C 7 15.79 15.86 7.85
CA LEU C 7 16.74 14.77 7.68
C LEU C 7 16.83 14.37 6.21
N TYR C 8 15.74 14.59 5.47
CA TYR C 8 15.65 14.22 4.06
C TYR C 8 15.05 15.37 3.29
N ASP C 9 15.04 15.27 1.96
CA ASP C 9 14.37 16.25 1.12
C ASP C 9 12.91 15.80 1.02
N TYR C 10 12.00 16.75 0.82
CA TYR C 10 10.60 16.42 0.62
C TYR C 10 9.97 17.40 -0.38
N GLU C 11 9.27 16.86 -1.38
CA GLU C 11 8.65 17.70 -2.39
C GLU C 11 7.13 17.54 -2.32
N ALA C 12 6.47 18.61 -1.93
CA ALA C 12 5.01 18.61 -1.80
C ALA C 12 4.33 18.54 -3.16
N TRP C 13 3.11 17.99 -3.19
CA TRP C 13 2.33 17.96 -4.43
C TRP C 13 1.11 18.89 -4.30
N THR C 14 0.49 18.85 -3.12
CA THR C 14 -0.61 19.73 -2.77
C THR C 14 -0.06 21.04 -2.18
N GLU C 15 -0.90 22.06 -2.07
CA GLU C 15 -0.44 23.39 -1.66
C GLU C 15 -0.17 23.52 -0.17
N ASP C 16 -0.98 22.81 0.62
CA ASP C 16 -0.92 22.92 2.07
C ASP C 16 0.32 22.30 2.68
N ASP C 17 0.95 21.34 1.98
CA ASP C 17 2.23 20.80 2.44
C ASP C 17 3.35 21.80 2.17
N LEU C 18 4.43 21.69 2.95
CA LEU C 18 5.62 22.51 2.77
C LEU C 18 6.74 21.67 2.15
N SER C 19 7.36 22.15 1.08
CA SER C 19 8.53 21.48 0.49
C SER C 19 9.82 21.93 1.18
N PHE C 20 10.80 21.03 1.27
CA PHE C 20 12.09 21.36 1.88
C PHE C 20 13.26 20.46 1.48
N HIS C 21 14.47 20.96 1.69
CA HIS C 21 15.67 20.16 1.50
C HIS C 21 16.28 19.76 2.83
N LYS C 22 17.14 18.74 2.80
CA LYS C 22 17.82 18.28 3.99
C LYS C 22 18.62 19.44 4.58
N GLY C 23 18.64 19.53 5.91
CA GLY C 23 19.39 20.58 6.57
C GLY C 23 18.56 21.80 6.92
N GLU C 24 17.47 22.02 6.19
CA GLU C 24 16.59 23.14 6.45
C GLU C 24 15.98 23.03 7.86
N LYS C 25 15.80 24.17 8.53
CA LYS C 25 15.26 24.16 9.88
C LYS C 25 13.84 24.72 9.97
N PHE C 26 13.10 24.28 10.99
CA PHE C 26 11.71 24.69 11.14
C PHE C 26 11.35 24.97 12.57
N GLN C 27 10.31 25.76 12.74
CA GLN C 27 9.67 25.98 14.01
C GLN C 27 8.30 25.34 13.90
N ILE C 28 8.06 24.32 14.72
CA ILE C 28 6.78 23.60 14.71
C ILE C 28 5.67 24.40 15.39
N LEU C 29 4.56 24.60 14.69
CA LEU C 29 3.46 25.40 15.21
C LEU C 29 2.31 24.54 15.74
N ASN C 30 2.11 23.38 15.12
CA ASN C 30 1.05 22.46 15.55
C ASN C 30 1.50 21.03 15.38
N SER C 31 1.57 20.30 16.50
CA SER C 31 1.94 18.89 16.49
C SER C 31 0.87 18.11 17.23
N SER C 32 -0.29 18.73 17.40
CA SER C 32 -1.35 18.18 18.24
C SER C 32 -2.45 17.53 17.43
N GLU C 33 -2.20 17.29 16.15
CA GLU C 33 -3.23 16.74 15.28
C GLU C 33 -2.70 15.61 14.41
N GLY C 34 -1.85 14.75 14.99
CA GLY C 34 -1.33 13.61 14.26
C GLY C 34 0.09 13.81 13.78
N ASP C 35 0.56 12.89 12.95
CA ASP C 35 1.96 12.86 12.54
C ASP C 35 2.35 13.79 11.39
N TRP C 36 1.41 14.57 10.88
CA TRP C 36 1.79 15.70 10.02
C TRP C 36 1.73 16.97 10.85
N TRP C 37 2.85 17.66 10.93
CA TRP C 37 2.91 18.85 11.76
C TRP C 37 2.78 20.11 10.91
N GLU C 38 2.17 21.14 11.49
CA GLU C 38 2.18 22.45 10.85
C GLU C 38 3.50 23.07 11.28
N ALA C 39 4.31 23.50 10.30
CA ALA C 39 5.63 24.02 10.59
C ALA C 39 5.90 25.30 9.81
N ARG C 40 6.91 26.04 10.26
CA ARG C 40 7.26 27.27 9.57
C ARG C 40 8.76 27.29 9.26
N SER C 41 9.09 27.48 7.99
CA SER C 41 10.49 27.53 7.57
C SER C 41 11.22 28.74 8.15
N LEU C 42 12.36 28.49 8.78
CA LEU C 42 13.20 29.56 9.30
C LEU C 42 13.88 30.34 8.17
N THR C 43 14.03 29.69 7.02
CA THR C 43 14.63 30.32 5.86
C THR C 43 13.66 31.25 5.15
N THR C 44 12.43 30.78 4.91
CA THR C 44 11.47 31.55 4.11
C THR C 44 10.25 32.10 4.84
N GLY C 45 9.93 31.58 6.01
CA GLY C 45 8.72 32.00 6.70
C GLY C 45 7.45 31.36 6.16
N GLU C 46 7.60 30.50 5.16
CA GLU C 46 6.47 29.77 4.61
C GLU C 46 6.02 28.72 5.64
N THR C 47 4.72 28.51 5.72
CA THR C 47 4.15 27.56 6.67
C THR C 47 3.41 26.46 5.93
N GLY C 48 3.33 25.30 6.54
CA GLY C 48 2.59 24.21 5.95
C GLY C 48 2.83 22.91 6.67
N TYR C 49 2.18 21.87 6.18
CA TYR C 49 2.30 20.55 6.78
C TYR C 49 3.57 19.86 6.30
N ILE C 50 4.20 19.15 7.22
CA ILE C 50 5.39 18.36 6.96
C ILE C 50 5.25 17.00 7.63
N PRO C 51 5.91 15.97 7.07
CA PRO C 51 5.87 14.67 7.73
C PRO C 51 6.84 14.67 8.90
N SER C 52 6.33 14.47 10.11
CA SER C 52 7.17 14.57 11.30
C SER C 52 8.37 13.62 11.30
N ASN C 53 8.27 12.49 10.60
CA ASN C 53 9.39 11.54 10.61
C ASN C 53 10.54 11.93 9.68
N TYR C 54 10.39 13.05 8.98
CA TYR C 54 11.48 13.60 8.15
C TYR C 54 12.30 14.67 8.85
N VAL C 55 11.87 15.08 10.04
CA VAL C 55 12.62 16.06 10.82
C VAL C 55 13.04 15.50 12.18
N ALA C 56 14.08 16.08 12.77
CA ALA C 56 14.53 15.70 14.11
C ALA C 56 14.82 16.96 14.91
N PRO C 57 14.72 16.87 16.25
CA PRO C 57 15.03 18.05 17.07
C PRO C 57 16.47 18.47 16.85
N VAL C 58 16.76 19.77 16.85
CA VAL C 58 18.15 20.17 16.73
C VAL C 58 18.85 20.19 18.11
N VAL D 15 16.41 4.88 0.76
CA VAL D 15 16.58 6.33 0.85
C VAL D 15 15.56 6.93 1.81
N THR D 16 14.67 7.76 1.27
CA THR D 16 13.61 8.39 2.05
C THR D 16 12.68 7.38 2.70
N PRO D 17 12.27 7.63 3.95
CA PRO D 17 11.28 6.76 4.59
C PRO D 17 9.84 7.09 4.16
N GLN D 18 8.92 6.21 4.52
CA GLN D 18 7.52 6.34 4.17
C GLN D 18 6.88 7.45 5.00
N VAL D 19 6.18 8.37 4.34
CA VAL D 19 5.51 9.45 5.07
C VAL D 19 4.31 8.92 5.88
N PRO D 20 4.04 9.54 7.04
CA PRO D 20 2.93 9.14 7.91
C PRO D 20 1.65 9.13 7.12
N LEU D 21 0.72 8.25 7.47
CA LEU D 21 -0.51 8.24 6.71
C LEU D 21 -1.48 9.31 7.20
N ARG D 22 -2.45 9.60 6.34
CA ARG D 22 -3.41 10.64 6.61
C ARG D 22 -4.57 10.41 5.67
N PRO D 23 -5.76 10.89 6.04
CA PRO D 23 -6.96 10.64 5.23
C PRO D 23 -7.07 11.62 4.08
N MET D 24 -7.66 11.16 2.99
CA MET D 24 -7.89 11.98 1.84
C MET D 24 -8.88 13.10 2.23
N THR D 25 -8.78 14.25 1.57
CA THR D 25 -9.69 15.37 1.83
C THR D 25 -10.12 15.95 0.50
N TYR D 26 -11.29 16.57 0.46
CA TYR D 26 -11.71 17.33 -0.72
C TYR D 26 -10.54 18.18 -1.30
N LYS D 27 -9.94 19.02 -0.46
CA LYS D 27 -8.85 19.86 -0.91
C LYS D 27 -7.66 19.05 -1.47
N ALA D 28 -7.21 18.03 -0.76
CA ALA D 28 -6.14 17.20 -1.28
C ALA D 28 -6.53 16.54 -2.61
N ALA D 29 -7.78 16.06 -2.70
CA ALA D 29 -8.27 15.40 -3.91
C ALA D 29 -8.24 16.36 -5.11
N VAL D 30 -8.70 17.59 -4.92
CA VAL D 30 -8.65 18.59 -5.99
C VAL D 30 -7.23 18.95 -6.41
N ASP D 31 -6.34 19.15 -5.44
CA ASP D 31 -4.96 19.55 -5.76
C ASP D 31 -4.26 18.44 -6.54
N LEU D 32 -4.61 17.21 -6.18
CA LEU D 32 -4.03 16.01 -6.80
C LEU D 32 -4.54 15.77 -8.21
N SER D 33 -5.83 15.97 -8.41
CA SER D 33 -6.44 15.92 -9.74
C SER D 33 -5.66 16.81 -10.70
N HIS D 34 -5.46 18.07 -10.30
CA HIS D 34 -4.79 19.08 -11.12
C HIS D 34 -3.29 18.82 -11.26
N PHE D 35 -2.66 18.33 -10.20
CA PHE D 35 -1.25 17.99 -10.27
C PHE D 35 -1.04 16.89 -11.31
N LEU D 36 -1.94 15.91 -11.32
CA LEU D 36 -1.88 14.81 -12.28
C LEU D 36 -2.37 15.22 -13.67
N LYS D 37 -3.15 16.28 -13.77
CA LYS D 37 -3.50 16.81 -15.09
C LYS D 37 -2.27 17.48 -15.72
N GLU D 38 -1.61 18.37 -14.96
CA GLU D 38 -0.39 19.04 -15.40
C GLU D 38 0.70 18.06 -15.82
N LYS D 39 1.03 17.11 -14.94
CA LYS D 39 2.07 16.12 -15.22
C LYS D 39 1.77 15.29 -16.48
N GLY D 40 0.48 15.00 -16.72
CA GLY D 40 0.07 14.20 -17.85
C GLY D 40 0.17 12.71 -17.56
N GLY D 41 -0.37 11.88 -18.47
CA GLY D 41 -0.25 10.45 -18.34
C GLY D 41 -1.54 9.70 -17.97
N LEU D 42 -2.31 10.28 -17.06
CA LEU D 42 -3.54 9.64 -16.60
C LEU D 42 -4.69 9.87 -17.57
N GLU D 43 -4.66 11.01 -18.25
CA GLU D 43 -5.70 11.37 -19.20
C GLU D 43 -5.72 10.40 -20.38
N GLY D 44 -6.84 9.71 -20.57
CA GLY D 44 -6.98 8.81 -21.70
C GLY D 44 -6.21 7.51 -21.50
N LEU D 45 -6.03 7.13 -20.24
CA LEU D 45 -5.36 5.88 -19.94
C LEU D 45 -6.40 4.80 -19.70
N ILE D 46 -6.19 3.63 -20.32
CA ILE D 46 -7.10 2.50 -20.16
C ILE D 46 -7.05 2.03 -18.71
N HIS D 47 -8.22 1.92 -18.09
CA HIS D 47 -8.31 1.52 -16.69
C HIS D 47 -8.17 0.01 -16.48
N SER D 48 -7.20 -0.39 -15.66
CA SER D 48 -7.19 -1.72 -15.07
C SER D 48 -7.20 -1.58 -13.54
N GLN D 49 -7.75 -2.57 -12.86
CA GLN D 49 -7.74 -2.57 -11.40
C GLN D 49 -6.30 -2.46 -10.90
N ARG D 50 -5.40 -3.14 -11.61
CA ARG D 50 -3.97 -3.08 -11.34
C ARG D 50 -3.40 -1.66 -11.40
N ARG D 51 -3.68 -0.98 -12.51
CA ARG D 51 -3.24 0.39 -12.69
C ARG D 51 -3.86 1.32 -11.63
N GLN D 52 -5.14 1.14 -11.36
CA GLN D 52 -5.79 1.88 -10.28
C GLN D 52 -5.05 1.64 -8.95
N ASP D 53 -4.75 0.38 -8.65
CA ASP D 53 -4.07 0.04 -7.42
C ASP D 53 -2.68 0.67 -7.35
N ILE D 54 -1.96 0.62 -8.47
CA ILE D 54 -0.62 1.20 -8.53
C ILE D 54 -0.70 2.70 -8.26
N LEU D 55 -1.63 3.37 -8.92
CA LEU D 55 -1.84 4.80 -8.71
C LEU D 55 -2.09 5.11 -7.23
N ASP D 56 -2.96 4.32 -6.62
CA ASP D 56 -3.22 4.41 -5.18
C ASP D 56 -1.94 4.30 -4.35
N LEU D 57 -1.18 3.24 -4.59
CA LEU D 57 0.02 2.95 -3.82
C LEU D 57 1.07 4.04 -4.00
N TRP D 58 1.19 4.52 -5.22
CA TRP D 58 2.15 5.58 -5.51
C TRP D 58 1.81 6.83 -4.70
N ILE D 59 0.52 7.10 -4.56
CA ILE D 59 0.07 8.28 -3.82
C ILE D 59 0.24 8.04 -2.31
N TYR D 60 -0.01 6.82 -1.90
CA TYR D 60 0.23 6.42 -0.52
C TYR D 60 1.71 6.56 -0.16
N HIS D 61 2.58 6.08 -1.05
CA HIS D 61 4.01 6.09 -0.78
C HIS D 61 4.53 7.52 -0.63
N THR D 62 4.22 8.37 -1.62
CA THR D 62 4.81 9.71 -1.63
C THR D 62 4.08 10.71 -0.75
N GLN D 63 2.77 10.54 -0.57
CA GLN D 63 1.98 11.59 0.07
C GLN D 63 1.20 11.12 1.27
N GLY D 64 1.18 9.80 1.49
CA GLY D 64 0.67 9.23 2.73
C GLY D 64 -0.85 9.06 2.80
N TYR D 65 -1.56 9.42 1.73
CA TYR D 65 -3.01 9.23 1.74
C TYR D 65 -3.34 7.74 1.73
N PHE D 66 -4.00 7.27 2.79
CA PHE D 66 -4.40 5.87 2.89
C PHE D 66 -5.23 5.50 1.64
N PRO D 67 -4.93 4.36 1.04
CA PRO D 67 -5.46 4.08 -0.30
C PRO D 67 -6.83 3.41 -0.24
N ASP D 68 -7.83 4.11 0.28
CA ASP D 68 -9.20 3.58 0.28
C ASP D 68 -10.14 4.66 -0.25
N TRP D 69 -9.56 5.66 -0.89
CA TRP D 69 -10.34 6.80 -1.38
C TRP D 69 -10.72 6.73 -2.86
N GLN D 70 -9.95 6.01 -3.66
CA GLN D 70 -10.15 6.09 -5.11
C GLN D 70 -11.17 5.09 -5.63
N ASN D 71 -12.38 5.13 -5.07
CA ASN D 71 -13.47 4.26 -5.52
C ASN D 71 -14.37 4.91 -6.57
N TYR D 72 -14.99 4.09 -7.41
CA TYR D 72 -15.89 4.55 -8.46
C TYR D 72 -17.25 3.85 -8.40
N THR D 73 -18.27 4.46 -8.97
CA THR D 73 -19.60 3.85 -9.00
C THR D 73 -19.64 2.57 -9.84
N PRO D 74 -20.58 1.66 -9.53
CA PRO D 74 -20.71 0.41 -10.28
C PRO D 74 -21.15 0.69 -11.70
N GLY D 75 -20.93 -0.27 -12.60
CA GLY D 75 -21.38 -0.13 -13.96
C GLY D 75 -22.87 -0.35 -14.13
N PRO D 76 -23.33 -0.37 -15.39
CA PRO D 76 -22.45 -0.17 -16.55
C PRO D 76 -22.29 1.32 -16.89
N GLY D 77 -21.38 1.63 -17.79
CA GLY D 77 -21.21 2.98 -18.27
C GLY D 77 -20.22 3.81 -17.47
N VAL D 78 -20.46 5.11 -17.39
CA VAL D 78 -19.56 6.03 -16.72
C VAL D 78 -19.49 5.71 -15.23
N ARG D 79 -18.27 5.72 -14.68
CA ARG D 79 -18.06 5.41 -13.28
C ARG D 79 -17.65 6.68 -12.58
N TYR D 80 -18.33 7.00 -11.49
CA TYR D 80 -18.12 8.27 -10.82
C TYR D 80 -17.40 8.08 -9.50
N PRO D 81 -16.51 9.03 -9.17
CA PRO D 81 -15.70 8.88 -7.95
C PRO D 81 -16.50 9.07 -6.68
N LEU D 82 -16.35 8.15 -5.72
CA LEU D 82 -17.05 8.33 -4.46
C LEU D 82 -16.48 9.53 -3.68
N THR D 83 -15.15 9.74 -3.77
CA THR D 83 -14.52 10.89 -3.11
C THR D 83 -14.81 12.23 -3.79
N PHE D 84 -15.63 13.07 -3.16
CA PHE D 84 -15.88 14.43 -3.66
C PHE D 84 -14.55 15.16 -3.76
N GLY D 85 -14.25 15.70 -4.93
CA GLY D 85 -13.03 16.48 -5.11
C GLY D 85 -12.02 15.82 -6.04
N TRP D 86 -12.04 14.49 -6.12
CA TRP D 86 -11.26 13.75 -7.10
C TRP D 86 -11.90 13.96 -8.44
N CYS D 87 -11.20 14.65 -9.35
CA CYS D 87 -11.83 15.07 -10.61
C CYS D 87 -11.60 14.13 -11.78
N TYR D 88 -11.44 12.84 -11.50
CA TYR D 88 -11.35 11.85 -12.56
C TYR D 88 -12.53 10.90 -12.50
N LYS D 89 -13.02 10.49 -13.66
CA LYS D 89 -14.04 9.45 -13.76
C LYS D 89 -13.65 8.42 -14.83
N LEU D 90 -14.38 7.29 -14.85
CA LEU D 90 -14.08 6.20 -15.78
C LEU D 90 -15.09 6.18 -16.93
N VAL D 91 -14.61 6.46 -18.14
CA VAL D 91 -15.47 6.64 -19.31
C VAL D 91 -15.31 5.50 -20.33
N PRO D 92 -16.41 4.79 -20.64
CA PRO D 92 -16.48 3.66 -21.58
C PRO D 92 -15.76 3.87 -22.92
N VAL D 93 -15.11 2.80 -23.41
CA VAL D 93 -14.32 2.82 -24.65
C VAL D 93 -13.20 3.87 -24.63
N GLU D 124 -16.94 -3.81 -19.80
CA GLU D 124 -16.56 -2.87 -20.85
C GLU D 124 -15.18 -2.25 -20.64
N VAL D 125 -14.61 -1.70 -21.70
CA VAL D 125 -13.30 -1.05 -21.64
C VAL D 125 -13.42 0.41 -21.19
N LEU D 126 -12.75 0.76 -20.09
CA LEU D 126 -12.88 2.09 -19.51
C LEU D 126 -11.61 2.92 -19.63
N GLU D 127 -11.79 4.24 -19.64
CA GLU D 127 -10.71 5.20 -19.77
C GLU D 127 -10.79 6.25 -18.66
N TRP D 128 -9.63 6.68 -18.16
CA TRP D 128 -9.60 7.76 -17.18
C TRP D 128 -9.84 9.12 -17.84
N ARG D 129 -10.84 9.85 -17.36
CA ARG D 129 -11.18 11.17 -17.90
C ARG D 129 -11.22 12.24 -16.81
N PHE D 130 -10.47 13.32 -17.02
CA PHE D 130 -10.54 14.47 -16.13
C PHE D 130 -11.84 15.25 -16.37
N ASP D 131 -12.49 15.67 -15.28
CA ASP D 131 -13.73 16.45 -15.36
C ASP D 131 -13.86 17.34 -14.12
N SER D 132 -13.66 18.65 -14.28
CA SER D 132 -13.67 19.54 -13.12
C SER D 132 -15.05 19.64 -12.47
N ARG D 133 -16.09 19.38 -13.26
CA ARG D 133 -17.47 19.40 -12.78
C ARG D 133 -17.63 18.59 -11.49
N LEU D 134 -16.84 17.53 -11.35
CA LEU D 134 -16.89 16.70 -10.15
C LEU D 134 -16.46 17.44 -8.89
N ALA D 135 -15.75 18.55 -9.04
CA ALA D 135 -15.38 19.33 -7.86
C ALA D 135 -16.57 20.16 -7.37
N PHE D 136 -17.64 20.15 -8.17
CA PHE D 136 -18.81 20.98 -7.86
C PHE D 136 -20.09 20.17 -7.84
N HIS D 137 -20.02 18.94 -8.33
CA HIS D 137 -21.20 18.10 -8.32
C HIS D 137 -20.76 16.72 -7.85
N HIS D 138 -21.20 16.37 -6.64
CA HIS D 138 -20.88 15.06 -6.08
C HIS D 138 -21.82 14.02 -6.66
N VAL D 139 -21.60 13.70 -7.93
CA VAL D 139 -22.44 12.76 -8.68
C VAL D 139 -22.71 11.45 -7.95
N ALA D 140 -21.66 10.82 -7.41
CA ALA D 140 -21.80 9.53 -6.74
C ALA D 140 -22.77 9.57 -5.56
N ARG D 141 -22.76 10.67 -4.79
CA ARG D 141 -23.64 10.78 -3.63
C ARG D 141 -25.09 10.95 -4.05
N GLU D 142 -25.29 11.51 -5.23
CA GLU D 142 -26.64 11.75 -5.73
C GLU D 142 -27.24 10.49 -6.37
N LEU D 143 -26.39 9.60 -6.90
CA LEU D 143 -26.85 8.35 -7.48
C LEU D 143 -26.92 7.26 -6.44
N HIS D 144 -25.98 7.28 -5.50
CA HIS D 144 -25.91 6.24 -4.48
C HIS D 144 -25.77 6.83 -3.08
N PRO D 145 -26.79 7.53 -2.59
CA PRO D 145 -26.71 8.18 -1.28
C PRO D 145 -26.65 7.17 -0.12
N GLU D 146 -26.85 5.89 -0.43
CA GLU D 146 -26.70 4.83 0.55
C GLU D 146 -25.24 4.71 1.00
N TYR D 147 -24.32 5.09 0.12
CA TYR D 147 -22.89 5.00 0.36
C TYR D 147 -22.41 6.02 1.40
N PHE D 148 -23.24 7.01 1.67
CA PHE D 148 -22.79 8.17 2.46
C PHE D 148 -23.61 8.41 3.72
N LYS D 149 -22.94 8.96 4.73
CA LYS D 149 -23.58 9.24 6.02
C LYS D 149 -24.57 10.38 5.92
#